data_9INP
#
_entry.id   9INP
#
_cell.length_a   118.395
_cell.length_b   36.128
_cell.length_c   51.649
_cell.angle_alpha   90.000
_cell.angle_beta   100.872
_cell.angle_gamma   90.000
#
_symmetry.space_group_name_H-M   'C 1 2 1'
#
loop_
_entity.id
_entity.type
_entity.pdbx_description
1 polymer 'Peptidyl-prolyl cis-trans isomerase NIMA-interacting 1'
2 non-polymer ~{N}-[(3~{R})-1,1-bis(oxidanylidene)thiolan-3-yl]-2-chloranyl-~{N}-(2,2-dimethylpropyl)-5-nitro-pyrimidin-4-amine
3 non-polymer 'CITRIC ACID'
4 water water
#
_entity_poly.entity_id   1
_entity_poly.type   'polypeptide(L)'
_entity_poly.pdbx_seq_one_letter_code
;GPGKNGQGEPARVRCSHLLVKHSQSRRPSSWRQEQITRTQEEALELINGYIQKIKSGEEDFESLASQFSDCSSAKARGDL
GAFSRGQMQKPFEDASFALRTGEMSGPVFTDSGIHIILRTE
;
_entity_poly.pdbx_strand_id   A,B
#
loop_
_chem_comp.id
_chem_comp.type
_chem_comp.name
_chem_comp.formula
A1D9X non-polymer ~{N}-[(3~{R})-1,1-bis(oxidanylidene)thiolan-3-yl]-2-chloranyl-~{N}-(2,2-dimethylpropyl)-5-nitro-pyrimidin-4-amine 'C13 H19 Cl N4 O4 S'
CIT non-polymer 'CITRIC ACID' 'C6 H8 O7'
#
# COMPACT_ATOMS: atom_id res chain seq x y z
N GLU A 9 -14.68 15.81 -26.53
CA GLU A 9 -13.45 15.78 -25.73
C GLU A 9 -13.20 17.11 -25.04
N PRO A 10 -12.85 17.05 -23.75
CA PRO A 10 -12.54 18.29 -23.01
C PRO A 10 -11.09 18.71 -23.20
N ALA A 11 -10.81 19.96 -22.83
CA ALA A 11 -9.45 20.48 -22.94
C ALA A 11 -8.50 19.73 -22.02
N ARG A 12 -9.01 19.25 -20.88
CA ARG A 12 -8.22 18.52 -19.91
C ARG A 12 -9.07 17.43 -19.29
N VAL A 13 -8.41 16.36 -18.86
CA VAL A 13 -9.02 15.31 -18.07
C VAL A 13 -8.24 15.20 -16.76
N ARG A 14 -8.89 14.60 -15.78
CA ARG A 14 -8.22 14.25 -14.52
C ARG A 14 -8.26 12.73 -14.36
N CYS A 15 -7.10 12.15 -14.06
CA CYS A 15 -6.96 10.71 -13.96
C CYS A 15 -6.19 10.36 -12.71
N SER A 16 -6.50 9.22 -12.16
CA SER A 16 -5.60 8.54 -11.25
C SER A 16 -4.94 7.40 -12.03
N HIS A 17 -3.79 6.97 -11.55
CA HIS A 17 -3.14 5.81 -12.17
C HIS A 17 -2.34 5.03 -11.13
N LEU A 18 -2.11 3.77 -11.46
CA LEU A 18 -1.17 2.89 -10.79
C LEU A 18 -0.13 2.48 -11.82
N LEU A 19 1.15 2.71 -11.52
CA LEU A 19 2.25 2.30 -12.35
C LEU A 19 2.99 1.12 -11.72
N VAL A 20 3.29 0.10 -12.54
CA VAL A 20 4.21 -0.97 -12.16
C VAL A 20 5.44 -0.83 -13.05
N LYS A 21 6.58 -0.49 -12.47
CA LYS A 21 7.82 -0.40 -13.23
C LYS A 21 8.43 -1.79 -13.43
N HIS A 22 9.41 -1.88 -14.33
CA HIS A 22 10.20 -3.09 -14.51
C HIS A 22 11.66 -2.70 -14.70
N SER A 23 12.53 -3.71 -14.82
CA SER A 23 13.97 -3.43 -14.91
C SER A 23 14.40 -2.74 -16.21
N GLN A 24 13.50 -2.58 -17.18
CA GLN A 24 13.84 -1.91 -18.42
C GLN A 24 13.05 -0.61 -18.58
N SER A 25 12.44 -0.14 -17.50
CA SER A 25 11.77 1.14 -17.48
C SER A 25 12.77 2.27 -17.64
N ARG A 26 12.24 3.44 -17.99
CA ARG A 26 13.05 4.64 -18.14
C ARG A 26 13.90 4.90 -16.89
N ARG A 27 13.30 4.89 -15.71
CA ARG A 27 14.03 4.98 -14.46
C ARG A 27 13.67 3.77 -13.59
N PRO A 28 14.51 2.75 -13.57
CA PRO A 28 14.20 1.53 -12.83
C PRO A 28 14.40 1.64 -11.30
N SER A 29 13.84 2.70 -10.71
CA SER A 29 13.74 2.81 -9.26
C SER A 29 12.45 3.55 -8.92
N SER A 30 11.99 3.42 -7.67
CA SER A 30 10.81 4.16 -7.23
C SER A 30 10.91 4.52 -5.75
N TRP A 31 9.87 5.19 -5.24
CA TRP A 31 9.86 5.54 -3.81
C TRP A 31 9.85 4.29 -2.94
N ARG A 32 9.20 3.23 -3.41
CA ARG A 32 9.00 2.05 -2.58
C ARG A 32 10.03 0.96 -2.84
N GLN A 33 10.94 1.15 -3.80
CA GLN A 33 11.90 0.09 -4.09
C GLN A 33 13.11 0.72 -4.77
N GLU A 34 14.30 0.59 -4.15
CA GLU A 34 15.44 1.35 -4.64
C GLU A 34 15.94 0.85 -6.01
N GLN A 35 15.86 -0.45 -6.27
CA GLN A 35 16.18 -0.99 -7.58
C GLN A 35 15.04 -1.90 -8.04
N ILE A 36 14.43 -1.56 -9.17
CA ILE A 36 13.37 -2.39 -9.74
C ILE A 36 14.01 -3.61 -10.40
N THR A 37 13.75 -4.78 -9.85
CA THR A 37 14.39 -6.00 -10.33
C THR A 37 13.46 -6.89 -11.16
N ARG A 38 12.17 -6.58 -11.21
CA ARG A 38 11.19 -7.45 -11.85
C ARG A 38 11.19 -7.25 -13.36
N THR A 39 10.93 -8.36 -14.08
CA THR A 39 10.85 -8.33 -15.53
C THR A 39 9.56 -7.67 -15.99
N GLN A 40 9.57 -7.20 -17.24
CA GLN A 40 8.33 -6.64 -17.79
C GLN A 40 7.24 -7.67 -17.85
N GLU A 41 7.61 -8.93 -18.02
CA GLU A 41 6.62 -9.99 -17.97
C GLU A 41 5.98 -10.07 -16.59
N GLU A 42 6.79 -9.93 -15.54
CA GLU A 42 6.23 -9.92 -14.19
C GLU A 42 5.46 -8.62 -13.89
N ALA A 43 5.90 -7.48 -14.45
CA ALA A 43 5.14 -6.25 -14.29
C ALA A 43 3.72 -6.38 -14.85
N LEU A 44 3.56 -7.04 -16.01
CA LEU A 44 2.22 -7.14 -16.61
C LEU A 44 1.33 -8.12 -15.85
N GLU A 45 1.89 -9.26 -15.43
CA GLU A 45 1.19 -10.17 -14.52
C GLU A 45 0.58 -9.41 -13.33
N LEU A 46 1.39 -8.58 -12.66
CA LEU A 46 0.87 -7.76 -11.58
C LEU A 46 -0.26 -6.86 -12.06
N ILE A 47 -0.03 -6.13 -13.16
CA ILE A 47 -1.04 -5.25 -13.71
C ILE A 47 -2.34 -6.02 -13.97
N ASN A 48 -2.21 -7.16 -14.65
CA ASN A 48 -3.40 -7.95 -14.96
C ASN A 48 -4.07 -8.48 -13.71
N GLY A 49 -3.28 -8.84 -12.69
CA GLY A 49 -3.84 -9.32 -11.44
C GLY A 49 -4.48 -8.22 -10.62
N TYR A 50 -3.94 -7.00 -10.71
CA TYR A 50 -4.60 -5.85 -10.09
C TYR A 50 -5.93 -5.56 -10.76
N ILE A 51 -5.98 -5.71 -12.09
CA ILE A 51 -7.21 -5.42 -12.83
C ILE A 51 -8.31 -6.39 -12.41
N GLN A 52 -7.97 -7.66 -12.21
CA GLN A 52 -8.97 -8.67 -11.88
C GLN A 52 -9.50 -8.48 -10.48
N LYS A 53 -8.63 -8.16 -9.54
CA LYS A 53 -9.06 -7.87 -8.19
C LYS A 53 -9.93 -6.61 -8.14
N ILE A 54 -9.61 -5.60 -8.95
CA ILE A 54 -10.43 -4.40 -8.98
C ILE A 54 -11.79 -4.69 -9.62
N LYS A 55 -11.83 -5.60 -10.58
CA LYS A 55 -13.08 -5.97 -11.22
C LYS A 55 -13.93 -6.86 -10.31
N SER A 56 -13.30 -7.73 -9.53
CA SER A 56 -14.05 -8.60 -8.62
C SER A 56 -14.58 -7.85 -7.41
N GLY A 57 -14.04 -6.66 -7.14
CA GLY A 57 -14.29 -5.95 -5.92
C GLY A 57 -13.36 -6.29 -4.79
N GLU A 58 -12.48 -7.28 -4.96
CA GLU A 58 -11.58 -7.66 -3.87
C GLU A 58 -10.66 -6.52 -3.48
N GLU A 59 -10.29 -5.66 -4.43
CA GLU A 59 -9.35 -4.60 -4.14
C GLU A 59 -9.89 -3.28 -4.64
N ASP A 60 -9.51 -2.22 -3.95
CA ASP A 60 -9.88 -0.86 -4.30
C ASP A 60 -8.70 -0.21 -5.05
N PHE A 61 -9.02 0.41 -6.19
CA PHE A 61 -8.00 0.93 -7.10
C PHE A 61 -7.05 1.88 -6.38
N GLU A 62 -7.60 2.80 -5.60
CA GLU A 62 -6.76 3.85 -5.00
C GLU A 62 -5.99 3.34 -3.78
N SER A 63 -6.55 2.38 -3.05
CA SER A 63 -5.78 1.67 -2.04
C SER A 63 -4.56 0.96 -2.65
N LEU A 64 -4.75 0.31 -3.82
CA LEU A 64 -3.64 -0.37 -4.49
C LEU A 64 -2.61 0.61 -5.02
N ALA A 65 -3.07 1.69 -5.65
CA ALA A 65 -2.14 2.72 -6.11
C ALA A 65 -1.35 3.32 -4.94
N SER A 66 -1.99 3.51 -3.79
CA SER A 66 -1.25 4.11 -2.67
C SER A 66 -0.22 3.16 -2.07
N GLN A 67 -0.38 1.85 -2.25
CA GLN A 67 0.57 0.87 -1.71
C GLN A 67 1.65 0.46 -2.72
N PHE A 68 1.29 0.24 -4.00
CA PHE A 68 2.18 -0.46 -4.91
C PHE A 68 2.52 0.28 -6.20
N SER A 69 1.97 1.48 -6.44
CA SER A 69 2.35 2.23 -7.63
C SER A 69 3.79 2.74 -7.52
N ASP A 70 4.61 2.44 -8.53
CA ASP A 70 6.01 2.87 -8.53
C ASP A 70 6.19 4.30 -8.94
N CYS A 71 5.10 5.06 -8.94
CA CYS A 71 5.10 6.46 -9.26
C CYS A 71 4.85 7.26 -7.97
N SER A 72 5.48 8.43 -7.89
CA SER A 72 5.30 9.31 -6.73
C SER A 72 3.86 9.73 -6.53
N SER A 73 3.04 9.63 -7.58
CA SER A 73 1.62 9.91 -7.46
C SER A 73 0.95 9.06 -6.39
N ALA A 74 1.60 7.99 -5.92
CA ALA A 74 0.98 7.05 -5.00
C ALA A 74 0.66 7.70 -3.66
N LYS A 75 1.39 8.76 -3.29
CA LYS A 75 1.13 9.45 -2.04
C LYS A 75 -0.18 10.23 -2.11
N ALA A 76 -0.67 10.50 -3.31
CA ALA A 76 -2.00 11.06 -3.53
C ALA A 76 -3.00 10.01 -4.02
N ARG A 77 -2.81 8.76 -3.62
CA ARG A 77 -3.72 7.64 -3.92
C ARG A 77 -3.84 7.39 -5.42
N GLY A 78 -2.82 7.77 -6.18
CA GLY A 78 -2.82 7.58 -7.61
C GLY A 78 -3.20 8.79 -8.43
N ASP A 79 -3.84 9.79 -7.81
CA ASP A 79 -4.30 10.95 -8.55
C ASP A 79 -3.14 11.74 -9.14
N LEU A 80 -3.31 12.20 -10.39
CA LEU A 80 -2.36 13.11 -11.02
C LEU A 80 -2.89 14.52 -11.14
N GLY A 81 -4.18 14.74 -10.94
CA GLY A 81 -4.76 16.01 -11.24
C GLY A 81 -5.26 16.08 -12.67
N ALA A 82 -5.51 17.31 -13.12
CA ALA A 82 -5.98 17.57 -14.47
C ALA A 82 -4.81 17.91 -15.37
N PHE A 83 -4.86 17.39 -16.58
CA PHE A 83 -3.85 17.74 -17.57
C PHE A 83 -4.49 17.77 -18.96
N SER A 84 -3.98 18.67 -19.79
CA SER A 84 -4.32 18.76 -21.21
C SER A 84 -3.49 17.78 -22.01
N ARG A 85 -3.65 17.82 -23.33
CA ARG A 85 -2.74 17.10 -24.23
C ARG A 85 -1.43 17.86 -24.38
N GLY A 86 -0.43 17.17 -24.91
CA GLY A 86 0.89 17.75 -25.11
C GLY A 86 1.82 17.72 -23.92
N GLN A 87 1.38 17.13 -22.79
CA GLN A 87 2.11 17.15 -21.53
C GLN A 87 2.75 15.82 -21.19
N MET A 88 1.96 14.74 -21.18
CA MET A 88 2.40 13.41 -20.77
C MET A 88 2.83 12.60 -21.99
N GLN A 89 3.44 11.44 -21.71
CA GLN A 89 3.80 10.51 -22.78
C GLN A 89 2.55 10.13 -23.58
N LYS A 90 2.67 10.20 -24.91
CA LYS A 90 1.53 9.99 -25.79
C LYS A 90 0.68 8.77 -25.45
N PRO A 91 1.25 7.57 -25.18
CA PRO A 91 0.37 6.43 -24.88
C PRO A 91 -0.52 6.66 -23.67
N PHE A 92 0.05 7.24 -22.61
CA PHE A 92 -0.73 7.61 -21.43
C PHE A 92 -1.78 8.67 -21.78
N GLU A 93 -1.37 9.68 -22.55
CA GLU A 93 -2.29 10.76 -22.92
C GLU A 93 -3.45 10.22 -23.76
N ASP A 94 -3.15 9.44 -24.80
CA ASP A 94 -4.22 8.90 -25.63
C ASP A 94 -5.16 8.04 -24.82
N ALA A 95 -4.60 7.16 -23.98
CA ALA A 95 -5.46 6.23 -23.24
C ALA A 95 -6.36 6.99 -22.29
N SER A 96 -5.80 8.00 -21.62
CA SER A 96 -6.56 8.79 -20.66
C SER A 96 -7.73 9.51 -21.32
N PHE A 97 -7.51 10.09 -22.51
CA PHE A 97 -8.57 10.81 -23.18
C PHE A 97 -9.60 9.89 -23.85
N ALA A 98 -9.27 8.62 -24.09
CA ALA A 98 -10.27 7.70 -24.62
C ALA A 98 -11.17 7.10 -23.53
N LEU A 99 -10.99 7.46 -22.27
CA LEU A 99 -11.83 6.94 -21.19
C LEU A 99 -13.03 7.85 -20.89
N ARG A 100 -14.17 7.23 -20.61
CA ARG A 100 -15.25 7.94 -19.92
C ARG A 100 -14.84 8.20 -18.48
N THR A 101 -15.37 9.28 -17.89
CA THR A 101 -15.15 9.45 -16.46
C THR A 101 -15.67 8.22 -15.72
N GLY A 102 -14.90 7.77 -14.74
CA GLY A 102 -15.20 6.55 -14.02
C GLY A 102 -14.82 5.27 -14.71
N GLU A 103 -14.19 5.34 -15.89
CA GLU A 103 -13.76 4.15 -16.60
C GLU A 103 -12.29 3.84 -16.34
N MET A 104 -11.97 2.55 -16.26
CA MET A 104 -10.62 2.08 -15.98
C MET A 104 -10.06 1.44 -17.23
N SER A 105 -8.88 1.90 -17.65
CA SER A 105 -8.19 1.33 -18.79
C SER A 105 -7.74 -0.11 -18.49
N GLY A 106 -7.36 -0.82 -19.55
CA GLY A 106 -6.55 -2.01 -19.41
C GLY A 106 -5.09 -1.61 -19.23
N PRO A 107 -4.16 -2.49 -19.58
CA PRO A 107 -2.74 -2.13 -19.53
C PRO A 107 -2.41 -0.99 -20.48
N VAL A 108 -1.46 -0.15 -20.06
CA VAL A 108 -0.98 0.97 -20.88
C VAL A 108 0.54 1.01 -20.75
N PHE A 109 1.23 0.92 -21.87
CA PHE A 109 2.68 0.85 -21.86
C PHE A 109 3.26 2.21 -22.24
N THR A 110 4.12 2.74 -21.38
CA THR A 110 4.94 3.90 -21.67
C THR A 110 6.37 3.59 -21.27
N ASP A 111 7.28 4.53 -21.57
CA ASP A 111 8.68 4.34 -21.21
C ASP A 111 8.84 4.21 -19.69
N SER A 112 7.93 4.82 -18.91
CA SER A 112 7.98 4.69 -17.47
C SER A 112 7.66 3.27 -16.99
N GLY A 113 6.91 2.49 -17.76
CA GLY A 113 6.43 1.19 -17.31
C GLY A 113 4.99 0.91 -17.72
N ILE A 114 4.30 0.06 -16.95
CA ILE A 114 2.94 -0.36 -17.27
C ILE A 114 1.95 0.32 -16.33
N HIS A 115 0.85 0.80 -16.90
CA HIS A 115 -0.09 1.65 -16.19
C HIS A 115 -1.47 1.01 -16.22
N ILE A 116 -2.21 1.18 -15.12
CA ILE A 116 -3.66 1.16 -15.11
C ILE A 116 -4.10 2.61 -14.89
N ILE A 117 -5.10 3.05 -15.64
CA ILE A 117 -5.57 4.43 -15.54
C ILE A 117 -7.04 4.41 -15.21
N LEU A 118 -7.47 5.39 -14.41
CA LEU A 118 -8.88 5.59 -14.08
C LEU A 118 -9.18 7.07 -14.27
N ARG A 119 -10.00 7.40 -15.27
CA ARG A 119 -10.43 8.77 -15.43
C ARG A 119 -11.49 9.11 -14.39
N THR A 120 -11.28 10.23 -13.70
CA THR A 120 -12.19 10.74 -12.67
C THR A 120 -12.93 12.01 -13.08
N GLU A 121 -12.27 12.94 -13.78
CA GLU A 121 -12.91 14.17 -14.28
C GLU A 121 -12.69 14.36 -15.79
N GLN B 7 -23.09 -5.08 11.62
CA GLN B 7 -24.24 -4.70 12.45
C GLN B 7 -24.22 -5.45 13.79
N GLY B 8 -24.57 -4.73 14.87
CA GLY B 8 -24.41 -5.24 16.21
C GLY B 8 -22.97 -5.33 16.69
N GLU B 9 -22.02 -4.84 15.90
CA GLU B 9 -20.59 -4.82 16.14
C GLU B 9 -20.26 -4.38 17.56
N PRO B 10 -19.19 -4.90 18.17
CA PRO B 10 -18.71 -4.31 19.44
C PRO B 10 -18.18 -2.90 19.24
N ALA B 11 -18.51 -2.03 20.21
CA ALA B 11 -18.06 -0.64 20.14
C ALA B 11 -16.54 -0.56 20.06
N ARG B 12 -15.84 -1.43 20.79
CA ARG B 12 -14.40 -1.41 20.85
C ARG B 12 -13.86 -2.80 20.59
N VAL B 13 -12.82 -2.89 19.73
CA VAL B 13 -11.93 -4.04 19.69
C VAL B 13 -10.65 -3.67 20.43
N ARG B 14 -9.96 -4.69 20.92
CA ARG B 14 -8.60 -4.57 21.41
C ARG B 14 -7.64 -5.25 20.46
N CYS B 15 -6.46 -4.64 20.27
CA CYS B 15 -5.49 -5.12 19.30
C CYS B 15 -4.07 -4.91 19.80
N SER B 16 -3.21 -5.84 19.44
CA SER B 16 -1.76 -5.69 19.48
C SER B 16 -1.26 -5.57 18.05
N HIS B 17 -0.17 -4.83 17.86
CA HIS B 17 0.35 -4.71 16.50
C HIS B 17 1.87 -4.67 16.48
N LEU B 18 2.39 -4.91 15.28
CA LEU B 18 3.81 -4.79 14.98
C LEU B 18 3.93 -3.89 13.75
N LEU B 19 4.62 -2.77 13.91
CA LEU B 19 4.75 -1.79 12.86
C LEU B 19 6.18 -1.78 12.33
N VAL B 20 6.31 -1.92 11.02
CA VAL B 20 7.60 -1.71 10.37
C VAL B 20 7.48 -0.44 9.53
N LYS B 21 8.16 0.61 9.96
CA LYS B 21 8.16 1.85 9.20
C LYS B 21 9.12 1.75 8.02
N HIS B 22 8.98 2.68 7.09
CA HIS B 22 9.90 2.84 5.97
C HIS B 22 10.13 4.33 5.78
N SER B 23 10.98 4.67 4.80
CA SER B 23 11.35 6.07 4.59
C SER B 23 10.19 6.92 4.07
N GLN B 24 9.03 6.34 3.80
CA GLN B 24 7.86 7.12 3.41
C GLN B 24 6.80 7.18 4.49
N SER B 25 7.06 6.65 5.68
CA SER B 25 6.18 6.88 6.81
C SER B 25 6.08 8.37 7.10
N ARG B 26 4.94 8.80 7.66
CA ARG B 26 4.78 10.21 7.97
C ARG B 26 5.86 10.69 8.93
N ARG B 27 6.26 9.84 9.86
CA ARG B 27 7.34 10.13 10.80
C ARG B 27 8.35 8.99 10.69
N PRO B 28 9.34 9.11 9.78
CA PRO B 28 10.31 8.04 9.53
C PRO B 28 11.41 7.95 10.59
N SER B 29 10.97 7.75 11.84
CA SER B 29 11.87 7.60 12.97
C SER B 29 11.10 6.82 14.03
N SER B 30 11.84 6.14 14.91
CA SER B 30 11.24 5.30 15.93
C SER B 30 12.24 5.17 17.08
N TRP B 31 11.84 4.46 18.14
CA TRP B 31 12.75 4.29 19.26
C TRP B 31 14.04 3.59 18.83
N ARG B 32 13.98 2.73 17.82
CA ARG B 32 15.19 2.00 17.44
C ARG B 32 16.01 2.69 16.35
N GLN B 33 15.53 3.77 15.76
CA GLN B 33 16.29 4.39 14.68
C GLN B 33 15.81 5.83 14.51
N GLU B 34 16.72 6.80 14.66
CA GLU B 34 16.26 8.19 14.56
C GLU B 34 16.03 8.61 13.12
N GLN B 35 16.48 7.83 12.15
CA GLN B 35 16.11 8.01 10.74
C GLN B 35 15.80 6.63 10.19
N ILE B 36 14.53 6.37 9.88
CA ILE B 36 14.20 5.12 9.21
C ILE B 36 14.58 5.26 7.74
N THR B 37 15.26 4.27 7.22
CA THR B 37 15.85 4.36 5.90
C THR B 37 15.36 3.30 4.93
N ARG B 38 14.94 2.13 5.40
CA ARG B 38 14.48 1.06 4.52
C ARG B 38 13.35 1.54 3.61
N THR B 39 13.32 1.02 2.39
CA THR B 39 12.21 1.34 1.50
C THR B 39 10.95 0.58 1.92
N GLN B 40 9.82 0.97 1.32
CA GLN B 40 8.55 0.35 1.65
C GLN B 40 8.57 -1.13 1.32
N GLU B 41 9.22 -1.49 0.23
CA GLU B 41 9.35 -2.90 -0.11
C GLU B 41 10.15 -3.66 0.93
N GLU B 42 11.26 -3.09 1.40
CA GLU B 42 12.04 -3.77 2.43
C GLU B 42 11.25 -3.93 3.74
N ALA B 43 10.52 -2.88 4.13
CA ALA B 43 9.56 -3.00 5.24
C ALA B 43 8.63 -4.20 5.04
N LEU B 44 8.03 -4.31 3.86
CA LEU B 44 7.13 -5.42 3.58
C LEU B 44 7.87 -6.76 3.61
N GLU B 45 9.14 -6.76 3.20
CA GLU B 45 9.93 -7.98 3.31
C GLU B 45 10.00 -8.43 4.78
N LEU B 46 10.40 -7.51 5.67
CA LEU B 46 10.57 -7.88 7.07
C LEU B 46 9.23 -8.27 7.70
N ILE B 47 8.15 -7.57 7.32
CA ILE B 47 6.82 -7.91 7.84
C ILE B 47 6.44 -9.32 7.42
N ASN B 48 6.70 -9.69 6.16
CA ASN B 48 6.47 -11.06 5.76
C ASN B 48 7.43 -12.00 6.45
N GLY B 49 8.65 -11.55 6.73
CA GLY B 49 9.54 -12.36 7.52
C GLY B 49 8.94 -12.68 8.88
N TYR B 50 8.47 -11.65 9.59
CA TYR B 50 7.92 -11.86 10.92
C TYR B 50 6.65 -12.69 10.88
N ILE B 51 5.86 -12.59 9.81
CA ILE B 51 4.61 -13.35 9.75
C ILE B 51 4.91 -14.84 9.73
N GLN B 52 5.87 -15.26 8.89
CA GLN B 52 6.22 -16.67 8.81
C GLN B 52 6.79 -17.17 10.14
N LYS B 53 7.59 -16.33 10.81
CA LYS B 53 8.16 -16.76 12.09
C LYS B 53 7.07 -17.02 13.10
N ILE B 54 6.00 -16.23 13.07
CA ILE B 54 4.90 -16.41 14.02
C ILE B 54 4.04 -17.60 13.60
N LYS B 55 3.61 -17.60 12.33
CA LYS B 55 2.73 -18.66 11.81
C LYS B 55 3.34 -20.06 11.98
N SER B 56 4.65 -20.16 11.91
CA SER B 56 5.35 -21.42 12.14
C SER B 56 5.77 -21.62 13.60
N GLY B 57 5.42 -20.69 14.49
CA GLY B 57 5.66 -20.86 15.90
C GLY B 57 7.08 -20.66 16.37
N GLU B 58 8.03 -20.41 15.46
CA GLU B 58 9.41 -20.18 15.88
C GLU B 58 9.56 -18.91 16.71
N GLU B 59 8.54 -18.05 16.73
CA GLU B 59 8.62 -16.81 17.47
C GLU B 59 7.23 -16.43 17.97
N ASP B 60 7.22 -15.72 19.09
CA ASP B 60 6.01 -15.23 19.72
C ASP B 60 5.65 -13.86 19.15
N PHE B 61 4.37 -13.67 18.80
CA PHE B 61 3.95 -12.38 18.25
C PHE B 61 4.37 -11.25 19.17
N GLU B 62 3.95 -11.31 20.44
CA GLU B 62 4.25 -10.23 21.38
C GLU B 62 5.75 -9.99 21.51
N SER B 63 6.55 -11.07 21.44
CA SER B 63 8.00 -10.93 21.58
C SER B 63 8.60 -10.18 20.41
N LEU B 64 8.19 -10.56 19.19
CA LEU B 64 8.64 -9.85 18.00
C LEU B 64 8.28 -8.36 18.08
N ALA B 65 7.06 -8.04 18.52
CA ALA B 65 6.66 -6.64 18.58
C ALA B 65 7.47 -5.85 19.58
N SER B 66 7.87 -6.46 20.72
CA SER B 66 8.63 -5.69 21.68
C SER B 66 10.06 -5.45 21.21
N GLN B 67 10.59 -6.33 20.36
CA GLN B 67 11.92 -6.17 19.81
C GLN B 67 11.96 -5.29 18.55
N PHE B 68 10.98 -5.43 17.65
CA PHE B 68 11.16 -4.94 16.29
C PHE B 68 10.09 -3.98 15.79
N SER B 69 9.08 -3.65 16.58
CA SER B 69 8.07 -2.71 16.13
C SER B 69 8.56 -1.28 16.27
N ASP B 70 8.45 -0.50 15.19
CA ASP B 70 8.84 0.91 15.18
C ASP B 70 7.79 1.81 15.83
N CYS B 71 7.11 1.33 16.86
CA CYS B 71 6.04 2.06 17.53
C CYS B 71 6.34 2.09 19.03
N SER B 72 5.86 3.13 19.71
CA SER B 72 6.10 3.18 21.16
C SER B 72 5.36 2.06 21.86
N SER B 73 4.25 1.59 21.28
CA SER B 73 3.52 0.44 21.79
C SER B 73 4.39 -0.81 21.88
N ALA B 74 5.58 -0.80 21.26
CA ALA B 74 6.50 -1.91 21.47
C ALA B 74 6.77 -2.10 22.95
N LYS B 75 6.82 -0.99 23.71
CA LYS B 75 7.09 -1.06 25.14
C LYS B 75 5.93 -1.69 25.90
N ALA B 76 4.72 -1.64 25.34
CA ALA B 76 3.58 -2.39 25.85
C ALA B 76 3.41 -3.73 25.13
N ARG B 77 4.51 -4.30 24.64
CA ARG B 77 4.52 -5.58 23.91
C ARG B 77 3.53 -5.58 22.74
N GLY B 78 3.31 -4.40 22.16
CA GLY B 78 2.46 -4.26 21.00
C GLY B 78 1.03 -3.88 21.28
N ASP B 79 0.63 -3.87 22.55
CA ASP B 79 -0.76 -3.63 22.92
C ASP B 79 -1.12 -2.16 22.76
N LEU B 80 -2.21 -1.89 22.03
CA LEU B 80 -2.69 -0.53 21.82
C LEU B 80 -3.87 -0.18 22.72
N GLY B 81 -4.41 -1.15 23.45
CA GLY B 81 -5.64 -0.97 24.18
C GLY B 81 -6.84 -1.01 23.25
N ALA B 82 -8.03 -0.95 23.85
CA ALA B 82 -9.25 -0.99 23.07
C ALA B 82 -9.50 0.37 22.43
N PHE B 83 -10.32 0.36 21.39
CA PHE B 83 -10.60 1.59 20.65
C PHE B 83 -11.86 1.35 19.82
N SER B 84 -12.57 2.44 19.54
CA SER B 84 -13.80 2.38 18.78
C SER B 84 -13.54 2.77 17.33
N ARG B 85 -14.61 2.89 16.56
CA ARG B 85 -14.54 3.37 15.19
C ARG B 85 -14.25 4.87 15.17
N GLY B 86 -13.58 5.31 14.09
CA GLY B 86 -13.10 6.68 14.02
C GLY B 86 -12.05 7.06 15.05
N GLN B 87 -11.45 6.08 15.73
CA GLN B 87 -10.42 6.38 16.72
C GLN B 87 -8.99 6.16 16.21
N MET B 88 -8.81 5.45 15.08
CA MET B 88 -7.51 5.25 14.45
C MET B 88 -7.60 5.68 12.99
N GLN B 89 -6.48 5.57 12.27
CA GLN B 89 -6.51 5.78 10.82
C GLN B 89 -7.42 4.74 10.19
N LYS B 90 -8.11 5.14 9.12
CA LYS B 90 -9.12 4.26 8.54
C LYS B 90 -8.60 2.89 8.12
N PRO B 91 -7.44 2.75 7.46
CA PRO B 91 -7.01 1.38 7.08
C PRO B 91 -6.75 0.50 8.29
N PHE B 92 -6.17 1.05 9.36
CA PHE B 92 -5.91 0.27 10.56
C PHE B 92 -7.21 -0.14 11.23
N GLU B 93 -8.19 0.75 11.25
CA GLU B 93 -9.47 0.44 11.86
C GLU B 93 -10.20 -0.62 11.05
N ASP B 94 -10.23 -0.47 9.72
CA ASP B 94 -10.83 -1.47 8.85
C ASP B 94 -10.25 -2.85 9.15
N ALA B 95 -8.92 -2.96 9.16
CA ALA B 95 -8.27 -4.25 9.32
C ALA B 95 -8.54 -4.84 10.69
N SER B 96 -8.56 -3.99 11.73
CA SER B 96 -8.77 -4.46 13.10
C SER B 96 -10.18 -5.00 13.28
N PHE B 97 -11.19 -4.24 12.85
CA PHE B 97 -12.56 -4.69 13.01
C PHE B 97 -12.91 -5.84 12.07
N ALA B 98 -12.15 -6.04 10.99
CA ALA B 98 -12.45 -7.15 10.09
C ALA B 98 -11.98 -8.51 10.63
N LEU B 99 -11.28 -8.53 11.75
CA LEU B 99 -10.73 -9.76 12.31
C LEU B 99 -11.68 -10.37 13.33
N ARG B 100 -11.63 -11.69 13.42
CA ARG B 100 -12.21 -12.39 14.56
C ARG B 100 -11.24 -12.29 15.73
N THR B 101 -11.79 -12.40 16.94
CA THR B 101 -10.93 -12.31 18.12
C THR B 101 -9.86 -13.39 18.08
N GLY B 102 -8.61 -12.98 18.17
CA GLY B 102 -7.51 -13.90 18.12
C GLY B 102 -6.92 -14.13 16.74
N GLU B 103 -7.52 -13.55 15.71
CA GLU B 103 -6.97 -13.58 14.37
C GLU B 103 -5.79 -12.60 14.22
N MET B 104 -4.88 -12.98 13.34
CA MET B 104 -3.73 -12.14 13.00
C MET B 104 -3.84 -11.75 11.54
N SER B 105 -3.83 -10.44 11.28
CA SER B 105 -3.94 -9.91 9.92
C SER B 105 -2.71 -10.27 9.10
N GLY B 106 -2.80 -9.92 7.82
CA GLY B 106 -1.63 -9.85 6.97
C GLY B 106 -1.11 -8.44 6.98
N PRO B 107 -0.21 -8.11 6.04
CA PRO B 107 0.24 -6.71 5.91
C PRO B 107 -0.91 -5.72 5.84
N VAL B 108 -0.92 -4.76 6.76
CA VAL B 108 -1.84 -3.65 6.76
C VAL B 108 -1.05 -2.39 6.45
N PHE B 109 -1.34 -1.75 5.32
CA PHE B 109 -0.60 -0.58 4.89
C PHE B 109 -1.27 0.67 5.41
N THR B 110 -0.50 1.54 6.07
CA THR B 110 -1.00 2.82 6.51
C THR B 110 0.04 3.89 6.24
N ASP B 111 -0.23 5.07 6.80
CA ASP B 111 0.62 6.25 6.67
C ASP B 111 1.81 6.21 7.62
N SER B 112 1.67 5.48 8.74
CA SER B 112 2.76 5.24 9.68
C SER B 112 3.69 4.12 9.23
N GLY B 113 3.22 3.21 8.38
CA GLY B 113 4.04 2.13 7.88
C GLY B 113 3.21 0.88 7.61
N ILE B 114 3.88 -0.28 7.66
CA ILE B 114 3.24 -1.57 7.44
C ILE B 114 3.06 -2.27 8.78
N HIS B 115 1.83 -2.70 9.05
CA HIS B 115 1.46 -3.33 10.31
C HIS B 115 1.13 -4.80 10.13
N ILE B 116 1.41 -5.57 11.17
CA ILE B 116 0.71 -6.83 11.43
C ILE B 116 -0.19 -6.56 12.62
N ILE B 117 -1.45 -6.97 12.54
CA ILE B 117 -2.41 -6.70 13.62
C ILE B 117 -2.86 -8.02 14.24
N LEU B 118 -2.93 -8.05 15.56
CA LEU B 118 -3.50 -9.17 16.30
C LEU B 118 -4.61 -8.63 17.19
N ARG B 119 -5.84 -9.09 16.95
CA ARG B 119 -6.95 -8.69 17.80
C ARG B 119 -7.01 -9.56 19.05
N THR B 120 -7.01 -8.92 20.21
CA THR B 120 -6.98 -9.64 21.48
C THR B 120 -8.33 -9.68 22.21
N GLU B 121 -9.21 -8.71 22.00
CA GLU B 121 -10.57 -8.77 22.53
C GLU B 121 -11.59 -8.35 21.46
N3 A1D9X C . 3.78 10.16 -10.18
C4 A1D9X C . 4.16 9.49 -11.24
C5 A1D9X C . 3.57 11.46 -10.42
C6 A1D9X C . 3.71 12.03 -11.66
C7 A1D9X C . 4.14 11.17 -12.74
C8 A1D9X C . 4.28 10.47 -15.04
C10 A1D9X C . 5.14 9.10 -16.78
C13 A1D9X C . 6.07 13.45 -14.52
C15 A1D9X C . 7.00 12.56 -13.69
C11 A1D9X C . 5.50 10.35 -15.99
C12 A1D9X C . 4.63 12.89 -14.60
C14 A1D9X C . 6.68 13.62 -15.91
C16 A1D9X C . 5.97 14.82 -13.86
C9 A1D9X C . 3.10 10.60 -16.00
N2 A1D9X C . 4.36 9.88 -12.48
N4 A1D9X C . 4.36 11.55 -14.05
N5 A1D9X C . 3.43 13.45 -11.81
O2 A1D9X C . 3.32 9.86 -18.54
O3 A1D9X C . 2.69 8.14 -16.89
O4 A1D9X C . 2.60 13.80 -12.64
O5 A1D9X C . 3.99 14.22 -11.05
S2 A1D9X C . 3.44 9.33 -17.22
C1 CIT D . 9.38 7.46 -14.11
O1 CIT D . 10.05 6.61 -14.98
O2 CIT D . 8.81 8.55 -14.77
C2 CIT D . 10.37 7.92 -13.06
C3 CIT D . 9.72 8.74 -11.94
O7 CIT D . 10.10 10.09 -12.27
C4 CIT D . 8.18 8.65 -11.90
C5 CIT D . 7.44 9.59 -10.96
O3 CIT D . 7.35 9.07 -9.66
O4 CIT D . 7.92 10.89 -10.97
C6 CIT D . 10.36 8.36 -10.59
O5 CIT D . 11.73 8.20 -10.72
O6 CIT D . 9.74 7.22 -10.08
N3 A1D9X E . 2.81 3.08 18.85
C4 A1D9X E . 2.65 3.51 17.61
C5 A1D9X E . 1.82 3.42 19.68
C6 A1D9X E . 0.72 4.15 19.29
C7 A1D9X E . 0.67 4.56 17.92
C8 A1D9X E . -1.34 4.55 16.55
C10 A1D9X E . -2.11 2.42 15.62
C13 A1D9X E . -1.64 7.51 17.96
C15 A1D9X E . -2.47 7.89 16.75
C11 A1D9X E . -1.11 3.02 16.61
C12 A1D9X E . -0.36 6.76 17.50
C14 A1D9X E . -2.51 6.69 18.93
C16 A1D9X E . -1.21 8.79 18.67
C9 A1D9X E . -1.20 4.86 15.06
N2 A1D9X E . 1.67 4.22 17.09
N4 A1D9X E . -0.34 5.29 17.36
N5 A1D9X E . -0.32 4.48 20.25
O2 A1D9X E . -3.55 4.02 14.14
O3 A1D9X E . -1.51 3.11 13.10
O4 A1D9X E . -1.44 4.02 20.09
O5 A1D9X E . -0.01 5.20 21.20
S2 A1D9X E . -2.19 3.59 14.29
#